data_1E0X
#
_entry.id   1E0X
#
_cell.length_a   49.210
_cell.length_b   81.060
_cell.length_c   72.810
_cell.angle_alpha   90.00
_cell.angle_beta   102.79
_cell.angle_gamma   90.00
#
_symmetry.space_group_name_H-M   'P 1 21 1'
#
loop_
_entity.id
_entity.type
_entity.pdbx_description
1 polymer 'ENDO-1,4-BETA-XYLANASE A'
2 branched beta-D-xylopyranose-(1-4)-2-deoxy-2-fluoro-alpha-D-xylopyranose
3 non-polymer GLYCEROL
4 water water
#
_entity_poly.entity_id   1
_entity_poly.type   'polypeptide(L)'
_entity_poly.pdbx_seq_one_letter_code
;AESTLGAAAAQSGRYFGTAIASGRLSDSTYTSIAGREFNMVTAENEMKIDATEPQRGQFNFSSADRVYNWAVQNGKQVRG
HTLAWHSQQPGWMQSLSGSALRQAMIDHINGVMAHYKGKIVQWDVVNEAFADGSSGARRDSNLQRSGNDWIEVAFRTARA
ADPSAKLCYNDYNVENWTWAKTQAMYNMVRDFKQRGVPIDCVGFQSHFNSGSPYNSNFRTTLQNFAALGVDVAITELDIQ
GAPASTYANVTNDCLAVSRCLGITVWGVRDSDSWRSEQTPLLFNNDGSKKAAYTAVLDALNGGDSSEPPADGG
;
_entity_poly.pdbx_strand_id   A,B
#
# COMPACT_ATOMS: atom_id res chain seq x y z
N ALA A 1 -9.26 38.73 7.96
CA ALA A 1 -9.32 37.64 6.94
C ALA A 1 -7.91 37.11 6.67
N GLU A 2 -7.87 35.85 6.22
CA GLU A 2 -6.61 35.19 5.91
C GLU A 2 -6.68 34.52 4.56
N SER A 3 -5.53 34.30 3.94
CA SER A 3 -5.47 33.84 2.56
C SER A 3 -5.29 32.35 2.32
N THR A 4 -5.16 31.61 3.41
CA THR A 4 -4.98 30.17 3.36
C THR A 4 -5.96 29.51 4.34
N LEU A 5 -6.31 28.24 4.08
CA LEU A 5 -7.38 27.62 4.88
C LEU A 5 -7.09 27.50 6.36
N GLY A 6 -5.90 26.98 6.67
CA GLY A 6 -5.59 26.78 8.08
C GLY A 6 -5.53 28.05 8.87
N ALA A 7 -4.95 29.12 8.29
CA ALA A 7 -4.89 30.41 8.94
C ALA A 7 -6.27 31.01 9.10
N ALA A 8 -7.13 30.81 8.10
CA ALA A 8 -8.50 31.34 8.19
C ALA A 8 -9.29 30.65 9.28
N ALA A 9 -9.13 29.34 9.35
CA ALA A 9 -9.76 28.59 10.42
C ALA A 9 -9.28 29.01 11.78
N ALA A 10 -7.96 29.29 11.93
CA ALA A 10 -7.38 29.62 13.21
C ALA A 10 -7.91 30.94 13.77
N GLN A 11 -8.45 31.78 12.92
CA GLN A 11 -9.10 33.01 13.39
C GLN A 11 -10.25 32.74 14.34
N SER A 12 -10.96 31.60 14.18
CA SER A 12 -12.03 31.23 15.07
C SER A 12 -11.62 30.12 16.03
N GLY A 13 -10.31 29.91 16.21
CA GLY A 13 -9.77 28.94 17.11
C GLY A 13 -9.90 27.52 16.57
N ARG A 14 -10.05 27.39 15.27
CA ARG A 14 -10.19 26.08 14.63
C ARG A 14 -9.01 25.72 13.75
N TYR A 15 -9.02 24.49 13.23
CA TYR A 15 -8.02 24.05 12.27
C TYR A 15 -8.66 23.62 10.96
N PHE A 16 -7.84 23.63 9.91
CA PHE A 16 -8.25 23.13 8.61
C PHE A 16 -7.09 22.17 8.20
N GLY A 17 -7.39 20.89 8.17
CA GLY A 17 -6.37 19.89 7.93
C GLY A 17 -6.52 19.01 6.72
N THR A 18 -5.52 18.16 6.53
CA THR A 18 -5.54 17.21 5.41
C THR A 18 -5.02 15.85 5.88
N ALA A 19 -5.11 14.93 4.93
CA ALA A 19 -4.49 13.60 5.11
C ALA A 19 -3.22 13.59 4.26
N ILE A 20 -2.09 13.33 4.87
CA ILE A 20 -0.79 13.26 4.21
C ILE A 20 -0.34 11.83 3.99
N ALA A 21 0.13 11.56 2.79
CA ALA A 21 0.71 10.26 2.43
C ALA A 21 2.24 10.41 2.39
N SER A 22 2.95 9.59 3.15
CA SER A 22 4.40 9.66 3.24
C SER A 22 5.09 9.58 1.88
N GLY A 23 4.58 8.75 0.99
CA GLY A 23 5.14 8.59 -0.34
C GLY A 23 5.04 9.81 -1.23
N ARG A 24 4.20 10.77 -0.88
CA ARG A 24 4.01 11.98 -1.65
C ARG A 24 4.84 13.13 -1.12
N LEU A 25 5.61 12.90 -0.06
CA LEU A 25 6.40 13.99 0.53
C LEU A 25 7.59 14.36 -0.34
N SER A 26 7.89 13.60 -1.37
CA SER A 26 8.96 14.06 -2.27
C SER A 26 8.40 14.83 -3.43
N ASP A 27 7.10 15.03 -3.55
CA ASP A 27 6.45 15.76 -4.62
C ASP A 27 6.34 17.21 -4.20
N SER A 28 7.18 18.10 -4.76
CA SER A 28 7.18 19.49 -4.29
C SER A 28 5.89 20.24 -4.50
N THR A 29 5.08 19.93 -5.50
CA THR A 29 3.79 20.63 -5.66
C THR A 29 2.89 20.23 -4.47
N TYR A 30 2.90 18.92 -4.24
CA TYR A 30 2.09 18.45 -3.07
C TYR A 30 2.46 19.11 -1.77
N THR A 31 3.75 19.11 -1.41
CA THR A 31 4.18 19.70 -0.17
C THR A 31 4.06 21.22 -0.14
N SER A 32 4.20 21.85 -1.31
CA SER A 32 3.98 23.30 -1.33
C SER A 32 2.53 23.61 -1.00
N ILE A 33 1.60 22.92 -1.65
CA ILE A 33 0.19 23.22 -1.32
C ILE A 33 -0.14 22.82 0.12
N ALA A 34 0.20 21.57 0.47
CA ALA A 34 -0.18 21.09 1.81
C ALA A 34 0.44 21.94 2.91
N GLY A 35 1.73 22.33 2.73
CA GLY A 35 2.38 23.10 3.78
C GLY A 35 1.75 24.47 3.96
N ARG A 36 1.39 25.13 2.86
CA ARG A 36 0.77 26.44 2.87
C ARG A 36 -0.66 26.45 3.42
N GLU A 37 -1.43 25.43 3.05
CA GLU A 37 -2.89 25.52 3.30
C GLU A 37 -3.41 24.88 4.56
N PHE A 38 -2.67 23.95 5.16
CA PHE A 38 -3.19 23.22 6.30
C PHE A 38 -2.41 23.35 7.59
N ASN A 39 -3.12 23.41 8.71
CA ASN A 39 -2.48 23.49 10.02
C ASN A 39 -2.69 22.24 10.89
N MET A 40 -3.24 21.19 10.26
CA MET A 40 -3.43 19.91 10.95
C MET A 40 -3.22 18.79 9.91
N VAL A 41 -2.60 17.73 10.36
CA VAL A 41 -2.26 16.58 9.54
C VAL A 41 -2.77 15.29 10.18
N THR A 42 -3.34 14.43 9.33
CA THR A 42 -3.63 13.04 9.71
C THR A 42 -2.81 12.15 8.77
N ALA A 43 -2.11 11.15 9.27
CA ALA A 43 -1.45 10.22 8.34
C ALA A 43 -2.52 9.45 7.60
N GLU A 44 -2.43 9.39 6.27
CA GLU A 44 -3.48 8.69 5.52
C GLU A 44 -3.57 7.22 5.85
N ASN A 45 -2.39 6.59 6.02
CA ASN A 45 -2.33 5.17 6.31
C ASN A 45 -1.25 4.75 7.28
N GLU A 46 -0.26 5.57 7.54
CA GLU A 46 0.95 5.21 8.25
C GLU A 46 0.83 4.97 9.73
N MET A 47 -0.25 5.38 10.35
CA MET A 47 -0.44 5.16 11.77
C MET A 47 -1.52 4.11 12.04
N LYS A 48 -1.96 3.41 11.00
CA LYS A 48 -2.94 2.33 11.16
C LYS A 48 -2.27 1.08 11.74
N ILE A 49 -3.13 0.12 12.09
CA ILE A 49 -2.61 -1.04 12.81
C ILE A 49 -1.64 -1.85 11.97
N ASP A 50 -1.98 -2.09 10.72
CA ASP A 50 -1.08 -2.88 9.89
C ASP A 50 0.26 -2.20 9.68
N ALA A 51 0.26 -0.89 9.49
CA ALA A 51 1.51 -0.19 9.24
C ALA A 51 2.39 -0.06 10.48
N THR A 52 1.79 0.09 11.63
CA THR A 52 2.61 0.30 12.85
C THR A 52 2.98 -0.98 13.56
N GLU A 53 2.27 -2.10 13.31
CA GLU A 53 2.62 -3.34 14.02
C GLU A 53 2.46 -4.50 13.08
N PRO A 54 3.31 -4.58 12.06
CA PRO A 54 3.19 -5.55 10.96
C PRO A 54 3.33 -6.97 11.44
N GLN A 55 4.07 -7.20 12.52
CA GLN A 55 4.19 -8.47 13.20
C GLN A 55 3.91 -8.16 14.68
N ARG A 56 3.41 -9.11 15.45
CA ARG A 56 3.06 -8.86 16.84
C ARG A 56 4.26 -8.37 17.64
N GLY A 57 4.10 -7.20 18.29
CA GLY A 57 5.15 -6.63 19.08
C GLY A 57 6.36 -6.17 18.29
N GLN A 58 6.27 -6.07 16.96
CA GLN A 58 7.36 -5.59 16.12
C GLN A 58 6.86 -4.30 15.47
N PHE A 59 6.91 -3.24 16.29
CA PHE A 59 6.38 -1.96 15.80
C PHE A 59 7.24 -1.38 14.72
N ASN A 60 6.62 -0.60 13.84
CA ASN A 60 7.36 0.09 12.78
C ASN A 60 6.78 1.50 12.62
N PHE A 61 7.55 2.50 13.01
CA PHE A 61 7.09 3.90 12.89
C PHE A 61 7.83 4.68 11.84
N SER A 62 8.55 3.98 10.95
CA SER A 62 9.32 4.73 9.95
C SER A 62 8.47 5.66 9.09
N SER A 63 7.43 5.12 8.47
CA SER A 63 6.61 5.99 7.61
C SER A 63 5.73 6.92 8.44
N ALA A 64 5.24 6.45 9.56
CA ALA A 64 4.47 7.30 10.47
C ALA A 64 5.26 8.52 10.95
N ASP A 65 6.52 8.30 11.33
CA ASP A 65 7.39 9.37 11.77
C ASP A 65 7.75 10.34 10.66
N ARG A 66 7.87 9.86 9.43
CA ARG A 66 8.10 10.79 8.32
C ARG A 66 6.94 11.77 8.21
N VAL A 67 5.71 11.28 8.37
CA VAL A 67 4.55 12.17 8.33
C VAL A 67 4.52 13.06 9.56
N TYR A 68 4.69 12.50 10.76
CA TYR A 68 4.69 13.33 11.98
C TYR A 68 5.73 14.46 11.90
N ASN A 69 6.96 14.07 11.52
CA ASN A 69 8.05 15.04 11.44
C ASN A 69 7.75 16.13 10.45
N TRP A 70 7.23 15.79 9.26
CA TRP A 70 6.91 16.80 8.26
C TRP A 70 5.90 17.77 8.83
N ALA A 71 4.90 17.19 9.52
CA ALA A 71 3.83 18.03 10.06
C ALA A 71 4.38 19.01 11.09
N VAL A 72 5.07 18.55 12.12
CA VAL A 72 5.46 19.47 13.20
C VAL A 72 6.62 20.36 12.76
N GLN A 73 7.43 19.90 11.80
CA GLN A 73 8.47 20.81 11.35
C GLN A 73 7.89 21.96 10.52
N ASN A 74 6.68 21.74 9.99
CA ASN A 74 5.95 22.71 9.21
C ASN A 74 4.83 23.38 9.98
N GLY A 75 4.83 23.28 11.29
CA GLY A 75 3.87 24.00 12.11
C GLY A 75 2.48 23.44 12.25
N LYS A 76 2.29 22.21 11.80
CA LYS A 76 0.96 21.60 11.95
C LYS A 76 0.89 20.70 13.17
N GLN A 77 -0.30 20.55 13.72
CA GLN A 77 -0.59 19.56 14.73
C GLN A 77 -0.97 18.27 13.99
N VAL A 78 -1.05 17.18 14.76
CA VAL A 78 -1.34 15.87 14.21
C VAL A 78 -2.50 15.15 14.91
N ARG A 79 -3.43 14.62 14.11
CA ARG A 79 -4.46 13.72 14.62
C ARG A 79 -3.93 12.31 14.34
N GLY A 80 -3.90 11.47 15.36
CA GLY A 80 -3.50 10.09 15.24
C GLY A 80 -4.63 9.25 14.70
N HIS A 81 -4.39 8.38 13.69
CA HIS A 81 -5.45 7.57 13.10
C HIS A 81 -4.87 6.24 12.66
N THR A 82 -5.29 5.12 13.22
CA THR A 82 -6.38 4.92 14.17
C THR A 82 -5.96 3.67 14.98
N LEU A 83 -6.32 3.52 16.23
CA LEU A 83 -5.76 2.49 17.11
C LEU A 83 -6.48 1.15 17.18
N ALA A 84 -7.80 1.15 16.93
CA ALA A 84 -8.56 -0.11 17.04
C ALA A 84 -9.69 -0.04 16.02
N TRP A 85 -9.65 -0.93 15.04
CA TRP A 85 -10.52 -0.89 13.89
C TRP A 85 -10.56 -2.29 13.29
N HIS A 86 -11.69 -2.66 12.72
CA HIS A 86 -11.84 -3.94 12.05
C HIS A 86 -11.04 -4.02 10.77
N SER A 87 -10.79 -2.88 10.15
CA SER A 87 -10.15 -2.83 8.84
C SER A 87 -8.68 -2.48 8.96
N GLN A 88 -7.95 -2.93 7.93
CA GLN A 88 -6.50 -2.69 7.91
C GLN A 88 -5.77 -3.25 9.11
N GLN A 89 -6.21 -4.40 9.60
CA GLN A 89 -5.48 -5.17 10.58
C GLN A 89 -4.42 -5.98 9.83
N PRO A 90 -3.26 -6.14 10.45
CA PRO A 90 -2.27 -7.07 9.94
C PRO A 90 -2.85 -8.48 10.10
N GLY A 91 -2.37 -9.39 9.26
CA GLY A 91 -2.87 -10.76 9.27
C GLY A 91 -2.78 -11.45 10.63
N TRP A 92 -1.68 -11.22 11.35
CA TRP A 92 -1.55 -11.92 12.65
C TRP A 92 -2.68 -11.49 13.60
N MET A 93 -3.14 -10.24 13.51
CA MET A 93 -4.21 -9.79 14.40
C MET A 93 -5.58 -10.29 13.96
N GLN A 94 -5.76 -10.39 12.64
CA GLN A 94 -7.05 -10.90 12.10
C GLN A 94 -7.27 -12.34 12.59
N SER A 95 -6.19 -13.09 12.82
CA SER A 95 -6.33 -14.48 13.27
C SER A 95 -6.55 -14.63 14.75
N LEU A 96 -6.51 -13.55 15.53
CA LEU A 96 -6.72 -13.60 16.96
C LEU A 96 -8.19 -13.36 17.31
N SER A 97 -8.59 -13.99 18.41
CA SER A 97 -9.95 -13.83 18.92
C SER A 97 -9.89 -13.81 20.45
N GLY A 98 -11.00 -13.44 21.05
CA GLY A 98 -11.17 -13.47 22.49
C GLY A 98 -10.08 -12.78 23.25
N SER A 99 -9.69 -13.47 24.35
CA SER A 99 -8.71 -12.90 25.25
C SER A 99 -7.36 -12.60 24.60
N ALA A 100 -6.93 -13.43 23.64
CA ALA A 100 -5.67 -13.17 22.96
C ALA A 100 -5.75 -11.87 22.16
N LEU A 101 -6.89 -11.71 21.49
CA LEU A 101 -7.09 -10.48 20.73
C LEU A 101 -7.16 -9.28 21.67
N ARG A 102 -7.89 -9.46 22.78
CA ARG A 102 -8.02 -8.36 23.74
C ARG A 102 -6.66 -7.88 24.22
N GLN A 103 -5.77 -8.83 24.56
CA GLN A 103 -4.43 -8.41 24.98
C GLN A 103 -3.67 -7.76 23.86
N ALA A 104 -3.76 -8.29 22.64
CA ALA A 104 -3.08 -7.69 21.49
C ALA A 104 -3.62 -6.29 21.20
N MET A 105 -4.90 -6.06 21.41
CA MET A 105 -5.50 -4.73 21.20
C MET A 105 -4.93 -3.75 22.20
N ILE A 106 -4.89 -4.12 23.48
CA ILE A 106 -4.35 -3.27 24.53
C ILE A 106 -2.86 -3.03 24.28
N ASP A 107 -2.12 -4.08 23.90
CA ASP A 107 -0.68 -3.92 23.61
C ASP A 107 -0.45 -2.98 22.42
N HIS A 108 -1.30 -3.06 21.40
CA HIS A 108 -1.14 -2.21 20.23
C HIS A 108 -1.39 -0.75 20.58
N ILE A 109 -2.45 -0.48 21.34
CA ILE A 109 -2.73 0.88 21.82
C ILE A 109 -1.56 1.42 22.61
N ASN A 110 -1.08 0.61 23.55
CA ASN A 110 0.02 1.06 24.41
C ASN A 110 1.28 1.31 23.61
N GLY A 111 1.65 0.47 22.68
CA GLY A 111 2.90 0.66 21.93
C GLY A 111 2.85 1.87 21.03
N VAL A 112 1.72 2.08 20.34
CA VAL A 112 1.67 3.22 19.45
C VAL A 112 1.56 4.50 20.25
N MET A 113 0.68 4.53 21.26
CA MET A 113 0.53 5.78 22.03
C MET A 113 1.79 6.12 22.80
N ALA A 114 2.55 5.13 23.25
CA ALA A 114 3.80 5.46 23.96
C ALA A 114 4.79 6.15 23.04
N HIS A 115 4.83 5.72 21.78
CA HIS A 115 5.75 6.33 20.82
C HIS A 115 5.40 7.81 20.60
N TYR A 116 4.12 8.12 20.66
CA TYR A 116 3.65 9.47 20.38
C TYR A 116 3.15 10.18 21.63
N LYS A 117 3.61 9.78 22.81
CA LYS A 117 3.07 10.33 24.03
C LYS A 117 3.32 11.83 24.11
N GLY A 118 2.26 12.60 24.25
CA GLY A 118 2.39 14.04 24.37
C GLY A 118 2.54 14.72 23.02
N LYS A 119 2.45 14.00 21.90
CA LYS A 119 2.69 14.57 20.59
C LYS A 119 1.44 14.70 19.74
N ILE A 120 0.35 14.12 20.21
CA ILE A 120 -0.86 14.01 19.38
C ILE A 120 -2.04 14.70 19.97
N VAL A 121 -2.62 15.68 19.27
CA VAL A 121 -3.73 16.45 19.84
C VAL A 121 -4.99 15.65 19.99
N GLN A 122 -5.32 14.83 18.99
CA GLN A 122 -6.51 13.98 19.01
C GLN A 122 -6.15 12.59 18.45
N TRP A 123 -6.63 11.53 19.07
CA TRP A 123 -6.50 10.17 18.53
C TRP A 123 -7.90 9.67 18.14
N ASP A 124 -8.02 9.10 16.94
CA ASP A 124 -9.17 8.27 16.61
C ASP A 124 -8.88 6.91 17.28
N VAL A 125 -9.37 6.76 18.49
CA VAL A 125 -9.06 5.53 19.25
C VAL A 125 -9.76 4.32 18.67
N VAL A 126 -11.04 4.46 18.40
CA VAL A 126 -11.87 3.43 17.79
C VAL A 126 -12.50 4.00 16.51
N ASN A 127 -12.49 3.18 15.47
CA ASN A 127 -13.06 3.60 14.19
C ASN A 127 -14.09 2.60 13.69
N GLU A 128 -15.23 3.11 13.22
CA GLU A 128 -16.20 2.32 12.47
C GLU A 128 -16.73 1.07 13.14
N ALA A 129 -17.17 1.23 14.38
CA ALA A 129 -17.69 0.10 15.13
C ALA A 129 -19.16 -0.19 14.90
N PHE A 130 -19.91 0.69 14.23
CA PHE A 130 -21.33 0.44 14.03
C PHE A 130 -21.54 -0.22 12.67
N ALA A 131 -22.52 -1.11 12.61
CA ALA A 131 -22.94 -1.71 11.36
C ALA A 131 -23.61 -0.69 10.43
N ASP A 132 -23.45 -1.00 9.11
CA ASP A 132 -24.15 -0.19 8.16
C ASP A 132 -25.63 -0.62 8.21
N GLY A 133 -26.51 0.29 7.79
CA GLY A 133 -27.92 0.03 7.76
C GLY A 133 -28.70 0.63 8.92
N SER A 134 -29.86 0.03 9.16
CA SER A 134 -30.73 0.65 10.17
C SER A 134 -30.81 -0.12 11.47
N SER A 135 -30.00 -1.12 11.73
CA SER A 135 -30.06 -1.85 12.97
C SER A 135 -29.58 -1.11 14.21
N GLY A 136 -28.60 -0.21 14.02
CA GLY A 136 -28.02 0.42 15.22
C GLY A 136 -27.14 -0.58 15.96
N ALA A 137 -26.78 -1.71 15.36
CA ALA A 137 -26.01 -2.73 15.98
C ALA A 137 -24.52 -2.50 15.78
N ARG A 138 -23.78 -3.19 16.63
CA ARG A 138 -22.31 -3.16 16.49
C ARG A 138 -21.96 -4.01 15.26
N ARG A 139 -21.03 -3.48 14.48
CA ARG A 139 -20.45 -4.24 13.36
C ARG A 139 -19.84 -5.53 13.83
N ASP A 140 -20.02 -6.65 13.09
CA ASP A 140 -19.39 -7.90 13.42
C ASP A 140 -17.91 -7.88 12.98
N SER A 141 -17.03 -8.07 13.93
CA SER A 141 -15.58 -8.12 13.67
C SER A 141 -14.96 -8.96 14.77
N ASN A 142 -13.67 -9.30 14.60
CA ASN A 142 -13.05 -10.03 15.72
C ASN A 142 -13.06 -9.19 16.98
N LEU A 143 -12.86 -7.88 16.87
CA LEU A 143 -12.89 -7.04 18.04
C LEU A 143 -14.26 -7.06 18.71
N GLN A 144 -15.35 -6.95 17.99
CA GLN A 144 -16.67 -7.00 18.64
C GLN A 144 -16.93 -8.39 19.22
N ARG A 145 -16.44 -9.44 18.58
CA ARG A 145 -16.61 -10.80 19.12
C ARG A 145 -15.78 -11.05 20.37
N SER A 146 -14.75 -10.25 20.64
CA SER A 146 -13.97 -10.38 21.87
C SER A 146 -14.73 -9.85 23.09
N GLY A 147 -15.83 -9.15 22.91
CA GLY A 147 -16.68 -8.61 23.93
C GLY A 147 -17.15 -7.18 23.57
N ASN A 148 -18.41 -6.92 23.86
CA ASN A 148 -18.95 -5.58 23.59
C ASN A 148 -18.19 -4.48 24.31
N ASP A 149 -17.54 -4.79 25.42
CA ASP A 149 -16.76 -3.80 26.14
C ASP A 149 -15.49 -3.40 25.40
N TRP A 150 -15.14 -3.92 24.24
CA TRP A 150 -13.88 -3.58 23.60
C TRP A 150 -13.72 -2.07 23.40
N ILE A 151 -14.79 -1.38 23.03
CA ILE A 151 -14.67 0.07 22.77
C ILE A 151 -14.31 0.80 24.04
N GLU A 152 -15.07 0.53 25.13
CA GLU A 152 -14.79 1.16 26.43
C GLU A 152 -13.38 0.83 26.91
N VAL A 153 -12.95 -0.43 26.73
CA VAL A 153 -11.60 -0.82 27.14
C VAL A 153 -10.56 -0.09 26.31
N ALA A 154 -10.78 0.07 25.01
CA ALA A 154 -9.82 0.82 24.19
C ALA A 154 -9.67 2.26 24.70
N PHE A 155 -10.76 2.92 25.01
CA PHE A 155 -10.71 4.29 25.52
C PHE A 155 -10.02 4.35 26.87
N ARG A 156 -10.34 3.43 27.80
CA ARG A 156 -9.65 3.46 29.08
C ARG A 156 -8.17 3.21 28.91
N THR A 157 -7.79 2.29 28.05
CA THR A 157 -6.38 2.02 27.81
C THR A 157 -5.69 3.25 27.29
N ALA A 158 -6.34 3.91 26.33
CA ALA A 158 -5.77 5.09 25.70
C ALA A 158 -5.60 6.24 26.70
N ARG A 159 -6.59 6.42 27.56
CA ARG A 159 -6.50 7.54 28.52
C ARG A 159 -5.30 7.31 29.42
N ALA A 160 -5.10 6.09 29.87
CA ALA A 160 -3.96 5.77 30.72
C ALA A 160 -2.63 5.95 29.99
N ALA A 161 -2.56 5.55 28.73
CA ALA A 161 -1.34 5.65 27.95
C ALA A 161 -0.88 7.08 27.68
N ASP A 162 -1.80 7.99 27.43
CA ASP A 162 -1.45 9.38 27.16
C ASP A 162 -2.62 10.24 27.53
N PRO A 163 -2.68 10.75 28.74
CA PRO A 163 -3.74 11.60 29.20
C PRO A 163 -3.77 13.00 28.57
N SER A 164 -2.78 13.37 27.75
CA SER A 164 -2.75 14.67 27.11
C SER A 164 -3.52 14.68 25.79
N ALA A 165 -3.81 13.49 25.27
CA ALA A 165 -4.52 13.48 23.99
C ALA A 165 -6.03 13.52 24.13
N LYS A 166 -6.72 14.20 23.23
CA LYS A 166 -8.18 14.10 23.18
C LYS A 166 -8.49 12.75 22.50
N LEU A 167 -9.42 12.01 23.06
CA LEU A 167 -9.71 10.65 22.55
C LEU A 167 -11.04 10.66 21.86
N CYS A 168 -10.99 10.34 20.54
CA CYS A 168 -12.20 10.37 19.74
C CYS A 168 -12.67 8.98 19.29
N TYR A 169 -13.97 8.89 19.12
CA TYR A 169 -14.70 7.79 18.46
C TYR A 169 -15.01 8.34 17.04
N ASN A 170 -14.69 7.61 15.99
CA ASN A 170 -14.90 8.10 14.61
C ASN A 170 -15.72 7.15 13.79
N ASP A 171 -16.64 7.65 12.98
CA ASP A 171 -17.46 6.77 12.12
C ASP A 171 -18.03 7.54 10.96
N TYR A 172 -18.55 6.84 9.97
CA TYR A 172 -19.17 7.36 8.78
C TYR A 172 -20.64 6.98 8.70
N ASN A 173 -21.37 7.64 7.85
CA ASN A 173 -22.82 7.46 7.66
C ASN A 173 -23.51 7.72 9.00
N VAL A 174 -23.00 8.71 9.76
CA VAL A 174 -23.54 9.12 11.04
C VAL A 174 -23.73 10.62 11.05
N GLU A 175 -23.83 11.23 9.87
CA GLU A 175 -23.94 12.69 9.77
C GLU A 175 -25.38 13.22 9.73
N ASN A 176 -26.27 12.40 9.15
CA ASN A 176 -27.68 12.81 9.06
C ASN A 176 -28.36 12.40 10.35
N TRP A 177 -28.92 13.37 11.05
CA TRP A 177 -29.55 13.15 12.36
C TRP A 177 -30.66 12.13 12.35
N THR A 178 -31.34 11.88 11.22
CA THR A 178 -32.44 10.92 11.31
C THR A 178 -31.99 9.48 11.23
N TRP A 179 -30.75 9.23 10.82
CA TRP A 179 -30.36 7.84 10.62
C TRP A 179 -30.21 7.04 11.90
N ALA A 180 -30.59 5.76 11.81
CA ALA A 180 -30.42 4.87 12.95
C ALA A 180 -28.98 4.73 13.39
N LYS A 181 -28.05 4.75 12.45
CA LYS A 181 -26.64 4.58 12.77
C LYS A 181 -26.21 5.78 13.63
N THR A 182 -26.63 6.98 13.22
CA THR A 182 -26.35 8.20 13.95
C THR A 182 -26.85 8.12 15.40
N GLN A 183 -28.07 7.65 15.54
CA GLN A 183 -28.67 7.47 16.87
C GLN A 183 -27.97 6.38 17.68
N ALA A 184 -27.48 5.31 17.06
CA ALA A 184 -26.76 4.30 17.84
C ALA A 184 -25.49 4.86 18.41
N MET A 185 -24.77 5.64 17.56
CA MET A 185 -23.54 6.30 18.01
C MET A 185 -23.88 7.31 19.09
N TYR A 186 -24.94 8.08 18.96
CA TYR A 186 -25.37 9.02 19.98
C TYR A 186 -25.68 8.30 21.30
N ASN A 187 -26.44 7.21 21.23
CA ASN A 187 -26.74 6.48 22.49
C ASN A 187 -25.48 5.94 23.14
N MET A 188 -24.52 5.43 22.37
CA MET A 188 -23.30 4.94 22.98
C MET A 188 -22.48 6.05 23.65
N VAL A 189 -22.33 7.18 22.92
CA VAL A 189 -21.52 8.26 23.49
C VAL A 189 -22.20 8.85 24.74
N ARG A 190 -23.54 8.93 24.67
CA ARG A 190 -24.32 9.42 25.81
C ARG A 190 -24.11 8.51 27.03
N ASP A 191 -24.14 7.20 26.85
CA ASP A 191 -23.91 6.24 27.90
C ASP A 191 -22.51 6.41 28.46
N PHE A 192 -21.50 6.52 27.60
CA PHE A 192 -20.11 6.66 28.00
C PHE A 192 -19.94 7.91 28.87
N LYS A 193 -20.51 9.02 28.41
CA LYS A 193 -20.37 10.24 29.24
C LYS A 193 -21.06 10.10 30.56
N GLN A 194 -22.23 9.47 30.59
CA GLN A 194 -22.96 9.27 31.82
C GLN A 194 -22.16 8.52 32.85
N ARG A 195 -21.46 7.46 32.40
CA ARG A 195 -20.71 6.60 33.27
C ARG A 195 -19.26 6.99 33.53
N GLY A 196 -18.75 8.00 32.87
CA GLY A 196 -17.36 8.37 33.08
C GLY A 196 -16.34 7.65 32.23
N VAL A 197 -16.80 7.06 31.14
CA VAL A 197 -15.81 6.44 30.21
C VAL A 197 -15.07 7.59 29.56
N PRO A 198 -13.75 7.49 29.51
CA PRO A 198 -12.91 8.53 28.95
C PRO A 198 -13.00 8.68 27.43
N ILE A 199 -13.85 9.56 26.99
CA ILE A 199 -14.03 9.86 25.57
C ILE A 199 -14.21 11.37 25.53
N ASP A 200 -13.45 12.06 24.70
CA ASP A 200 -13.44 13.49 24.62
C ASP A 200 -14.05 14.10 23.36
N CYS A 201 -14.22 13.27 22.34
CA CYS A 201 -14.59 13.79 21.05
C CYS A 201 -15.20 12.72 20.18
N VAL A 202 -15.97 13.22 19.20
CA VAL A 202 -16.61 12.37 18.21
C VAL A 202 -16.23 12.90 16.83
N GLY A 203 -15.73 12.01 16.00
CA GLY A 203 -15.33 12.30 14.65
C GLY A 203 -16.40 11.84 13.64
N PHE A 204 -16.72 12.78 12.76
CA PHE A 204 -17.69 12.53 11.67
C PHE A 204 -16.90 12.43 10.39
N GLN A 205 -16.81 11.26 9.77
CA GLN A 205 -15.92 11.13 8.61
C GLN A 205 -16.31 12.07 7.52
N SER A 206 -17.59 12.30 7.28
CA SER A 206 -18.06 13.28 6.29
C SER A 206 -17.68 12.94 4.87
N HIS A 207 -17.84 11.65 4.52
CA HIS A 207 -17.73 11.27 3.12
C HIS A 207 -19.10 11.44 2.47
N PHE A 208 -19.38 12.62 1.90
CA PHE A 208 -20.68 12.85 1.28
C PHE A 208 -20.63 12.50 -0.19
N ASN A 209 -21.66 11.78 -0.66
CA ASN A 209 -21.77 11.34 -2.03
C ASN A 209 -23.21 10.98 -2.35
N SER A 210 -23.44 10.47 -3.57
CA SER A 210 -24.85 10.23 -3.92
C SER A 210 -25.52 9.20 -3.06
N GLY A 211 -24.71 8.27 -2.53
CA GLY A 211 -25.30 7.23 -1.67
C GLY A 211 -25.56 7.72 -0.25
N SER A 212 -24.85 8.75 0.19
CA SER A 212 -24.98 9.32 1.54
C SER A 212 -24.82 10.81 1.40
N PRO A 213 -25.87 11.48 0.97
CA PRO A 213 -25.81 12.89 0.71
C PRO A 213 -25.78 13.70 1.98
N TYR A 214 -25.20 14.90 1.82
CA TYR A 214 -25.27 15.90 2.90
C TYR A 214 -26.71 16.27 3.13
N ASN A 215 -27.04 16.55 4.39
CA ASN A 215 -28.34 17.11 4.73
C ASN A 215 -28.05 18.28 5.66
N SER A 216 -28.84 19.35 5.59
CA SER A 216 -28.63 20.48 6.50
C SER A 216 -28.76 20.16 7.98
N ASN A 217 -29.40 19.02 8.30
CA ASN A 217 -29.53 18.54 9.66
C ASN A 217 -28.18 18.03 10.17
N PHE A 218 -27.09 18.06 9.41
CA PHE A 218 -25.77 17.77 9.95
C PHE A 218 -25.45 18.73 11.08
N ARG A 219 -25.96 19.99 10.98
CA ARG A 219 -25.75 20.96 12.05
C ARG A 219 -26.43 20.52 13.35
N THR A 220 -27.61 19.91 13.23
CA THR A 220 -28.34 19.36 14.37
C THR A 220 -27.57 18.23 15.00
N THR A 221 -26.99 17.38 14.16
CA THR A 221 -26.15 16.27 14.64
C THR A 221 -24.97 16.80 15.44
N LEU A 222 -24.23 17.75 14.86
CA LEU A 222 -23.09 18.32 15.55
C LEU A 222 -23.51 18.95 16.87
N GLN A 223 -24.61 19.71 16.88
CA GLN A 223 -25.04 20.34 18.12
C GLN A 223 -25.40 19.31 19.20
N ASN A 224 -26.13 18.29 18.77
CA ASN A 224 -26.61 17.30 19.73
C ASN A 224 -25.46 16.49 20.30
N PHE A 225 -24.46 16.14 19.49
CA PHE A 225 -23.30 15.45 20.09
C PHE A 225 -22.53 16.39 20.98
N ALA A 226 -22.31 17.66 20.59
CA ALA A 226 -21.60 18.59 21.45
C ALA A 226 -22.28 18.76 22.81
N ALA A 227 -23.60 18.67 22.78
CA ALA A 227 -24.38 18.86 24.02
C ALA A 227 -24.21 17.71 24.98
N LEU A 228 -23.66 16.57 24.59
CA LEU A 228 -23.31 15.49 25.47
C LEU A 228 -22.03 15.74 26.25
N GLY A 229 -21.33 16.82 25.96
CA GLY A 229 -20.11 17.18 26.62
C GLY A 229 -18.83 16.62 25.98
N VAL A 230 -18.86 16.55 24.66
CA VAL A 230 -17.72 16.12 23.88
C VAL A 230 -17.49 17.13 22.76
N ASP A 231 -16.27 17.21 22.29
CA ASP A 231 -15.97 18.02 21.13
C ASP A 231 -16.35 17.21 19.89
N VAL A 232 -16.56 17.92 18.78
CA VAL A 232 -16.83 17.22 17.51
C VAL A 232 -15.80 17.67 16.49
N ALA A 233 -15.48 16.76 15.57
CA ALA A 233 -14.52 17.08 14.51
C ALA A 233 -15.02 16.44 13.21
N ILE A 234 -14.79 17.14 12.10
CA ILE A 234 -15.05 16.60 10.75
C ILE A 234 -13.72 16.03 10.28
N THR A 235 -13.62 14.70 10.20
CA THR A 235 -12.31 14.06 10.07
C THR A 235 -11.84 13.64 8.71
N GLU A 236 -12.73 13.33 7.73
CA GLU A 236 -12.22 12.73 6.49
C GLU A 236 -13.05 13.30 5.32
N LEU A 237 -13.36 14.60 5.45
CA LEU A 237 -14.23 15.25 4.48
C LEU A 237 -13.83 15.13 3.03
N ASP A 238 -14.77 14.71 2.21
CA ASP A 238 -14.63 14.77 0.76
C ASP A 238 -16.05 14.72 0.23
N ILE A 239 -16.26 15.27 -0.94
CA ILE A 239 -17.63 15.39 -1.45
C ILE A 239 -17.61 15.08 -2.94
N GLN A 240 -18.39 14.09 -3.32
CA GLN A 240 -18.44 13.67 -4.73
C GLN A 240 -18.74 14.85 -5.66
N GLY A 241 -17.87 15.11 -6.60
CA GLY A 241 -17.96 16.23 -7.53
C GLY A 241 -17.47 17.55 -6.98
N ALA A 242 -17.12 17.60 -5.68
CA ALA A 242 -16.67 18.80 -4.98
C ALA A 242 -17.52 20.04 -5.24
N PRO A 243 -18.83 19.95 -5.04
CA PRO A 243 -19.72 21.12 -5.13
C PRO A 243 -19.26 22.14 -4.11
N ALA A 244 -19.05 23.41 -4.50
CA ALA A 244 -18.61 24.44 -3.58
C ALA A 244 -19.69 24.80 -2.56
N SER A 245 -20.95 24.71 -2.99
CA SER A 245 -22.09 24.93 -2.12
C SER A 245 -22.02 24.00 -0.92
N THR A 246 -22.02 22.69 -1.17
CA THR A 246 -22.02 21.73 -0.06
C THR A 246 -20.78 21.87 0.77
N TYR A 247 -19.61 22.11 0.13
CA TYR A 247 -18.39 22.33 0.97
C TYR A 247 -18.54 23.47 1.91
N ALA A 248 -19.08 24.61 1.44
CA ALA A 248 -19.34 25.76 2.30
C ALA A 248 -20.39 25.45 3.36
N ASN A 249 -21.43 24.66 3.03
CA ASN A 249 -22.46 24.33 4.05
C ASN A 249 -21.85 23.55 5.20
N VAL A 250 -20.99 22.58 4.87
CA VAL A 250 -20.31 21.78 5.89
C VAL A 250 -19.40 22.65 6.76
N THR A 251 -18.68 23.57 6.14
CA THR A 251 -17.79 24.48 6.83
C THR A 251 -18.62 25.34 7.80
N ASN A 252 -19.71 25.91 7.26
CA ASN A 252 -20.56 26.75 8.13
C ASN A 252 -21.23 25.95 9.24
N ASP A 253 -21.52 24.67 9.04
CA ASP A 253 -22.05 23.87 10.14
C ASP A 253 -21.05 23.77 11.27
N CYS A 254 -19.77 23.52 10.96
CA CYS A 254 -18.75 23.48 12.00
C CYS A 254 -18.60 24.84 12.65
N LEU A 255 -18.49 25.92 11.86
CA LEU A 255 -18.33 27.24 12.42
C LEU A 255 -19.51 27.64 13.32
N ALA A 256 -20.69 27.11 13.15
CA ALA A 256 -21.86 27.35 13.97
C ALA A 256 -21.88 26.63 15.30
N VAL A 257 -20.99 25.67 15.49
CA VAL A 257 -20.95 24.79 16.66
C VAL A 257 -19.68 25.04 17.44
N SER A 258 -19.87 25.61 18.66
CA SER A 258 -18.70 26.00 19.43
C SER A 258 -17.67 24.92 19.70
N ARG A 259 -18.11 23.68 19.91
CA ARG A 259 -17.20 22.56 20.16
C ARG A 259 -16.77 21.85 18.89
N CYS A 260 -17.03 22.42 17.71
CA CYS A 260 -16.49 21.82 16.47
C CYS A 260 -15.05 22.30 16.33
N LEU A 261 -14.08 21.40 16.55
CA LEU A 261 -12.68 21.78 16.58
C LEU A 261 -12.08 22.20 15.26
N GLY A 262 -12.54 21.60 14.17
CA GLY A 262 -11.94 21.87 12.88
C GLY A 262 -12.42 20.80 11.91
N ILE A 263 -11.89 20.94 10.71
CA ILE A 263 -12.21 20.14 9.56
C ILE A 263 -10.93 19.59 8.96
N THR A 264 -10.93 18.32 8.60
CA THR A 264 -9.87 17.73 7.80
C THR A 264 -10.48 17.25 6.49
N VAL A 265 -9.92 17.63 5.37
CA VAL A 265 -10.32 17.08 4.08
C VAL A 265 -9.36 15.91 3.78
N TRP A 266 -9.91 14.85 3.18
CA TRP A 266 -9.20 13.58 3.06
C TRP A 266 -8.27 13.54 1.85
N GLY A 267 -7.28 14.46 1.91
CA GLY A 267 -6.27 14.53 0.85
C GLY A 267 -6.11 15.92 0.28
N VAL A 268 -5.14 16.09 -0.62
CA VAL A 268 -4.82 17.41 -1.17
C VAL A 268 -5.40 17.64 -2.55
N ARG A 269 -4.86 17.07 -3.62
CA ARG A 269 -5.41 17.20 -4.96
C ARG A 269 -6.32 16.04 -5.27
N ASP A 270 -7.19 16.15 -6.26
CA ASP A 270 -8.04 15.06 -6.65
C ASP A 270 -7.25 13.81 -6.96
N SER A 271 -6.08 13.93 -7.59
CA SER A 271 -5.28 12.77 -7.95
C SER A 271 -4.74 12.06 -6.72
N ASP A 272 -4.63 12.76 -5.61
CA ASP A 272 -4.16 12.18 -4.37
C ASP A 272 -5.27 11.42 -3.64
N SER A 273 -6.52 11.64 -4.00
CA SER A 273 -7.65 11.07 -3.28
C SER A 273 -7.78 9.58 -3.44
N TRP A 274 -8.23 8.90 -2.36
CA TRP A 274 -8.61 7.51 -2.41
C TRP A 274 -9.78 7.24 -3.33
N ARG A 275 -10.51 8.29 -3.75
CA ARG A 275 -11.64 8.20 -4.64
C ARG A 275 -11.51 9.30 -5.72
N SER A 276 -10.34 9.28 -6.37
CA SER A 276 -10.01 10.32 -7.37
C SER A 276 -11.04 10.43 -8.48
N GLU A 277 -11.69 9.35 -8.88
CA GLU A 277 -12.70 9.34 -9.92
C GLU A 277 -13.94 10.16 -9.56
N GLN A 278 -14.12 10.46 -8.27
CA GLN A 278 -15.24 11.27 -7.80
C GLN A 278 -14.83 12.71 -7.65
N THR A 279 -13.62 13.09 -8.05
CA THR A 279 -13.02 14.40 -8.01
C THR A 279 -13.53 15.18 -6.81
N PRO A 280 -13.17 14.74 -5.62
CA PRO A 280 -13.87 15.20 -4.44
C PRO A 280 -13.18 16.15 -3.48
N LEU A 281 -12.05 16.66 -3.90
CA LEU A 281 -11.20 17.47 -3.06
C LEU A 281 -11.16 18.91 -3.55
N LEU A 282 -10.33 19.73 -2.88
CA LEU A 282 -10.35 21.18 -3.13
C LEU A 282 -9.40 21.67 -4.19
N PHE A 283 -8.46 20.83 -4.59
CA PHE A 283 -7.45 21.23 -5.58
C PHE A 283 -7.50 20.29 -6.77
N ASN A 284 -7.31 20.86 -7.96
CA ASN A 284 -7.28 20.05 -9.18
C ASN A 284 -5.97 19.25 -9.24
N ASN A 285 -5.90 18.38 -10.23
CA ASN A 285 -4.69 17.55 -10.45
C ASN A 285 -3.45 18.40 -10.65
N ASP A 286 -3.61 19.57 -11.29
CA ASP A 286 -2.51 20.46 -11.54
C ASP A 286 -2.18 21.38 -10.40
N GLY A 287 -2.88 21.22 -9.25
CA GLY A 287 -2.65 21.97 -8.06
C GLY A 287 -3.50 23.25 -7.96
N SER A 288 -4.25 23.57 -9.01
CA SER A 288 -5.02 24.80 -8.97
C SER A 288 -6.23 24.70 -8.03
N LYS A 289 -6.60 25.83 -7.45
CA LYS A 289 -7.78 25.89 -6.59
C LYS A 289 -9.06 25.71 -7.34
N LYS A 290 -9.96 24.89 -6.83
CA LYS A 290 -11.27 24.66 -7.40
C LYS A 290 -12.22 25.69 -6.81
N ALA A 291 -13.42 25.79 -7.41
CA ALA A 291 -14.47 26.65 -6.88
C ALA A 291 -14.79 26.36 -5.43
N ALA A 292 -14.69 25.08 -5.02
CA ALA A 292 -14.94 24.69 -3.65
C ALA A 292 -13.92 25.28 -2.71
N TYR A 293 -12.65 25.36 -3.14
CA TYR A 293 -11.64 26.01 -2.30
C TYR A 293 -12.10 27.39 -1.91
N THR A 294 -12.45 28.21 -2.91
CA THR A 294 -12.86 29.59 -2.64
C THR A 294 -14.02 29.69 -1.68
N ALA A 295 -15.02 28.81 -1.90
CA ALA A 295 -16.17 28.88 -0.99
C ALA A 295 -15.82 28.51 0.43
N VAL A 296 -14.93 27.54 0.62
CA VAL A 296 -14.52 27.16 1.97
C VAL A 296 -13.73 28.32 2.61
N LEU A 297 -12.77 28.86 1.88
CA LEU A 297 -11.95 29.96 2.41
C LEU A 297 -12.85 31.14 2.78
N ASP A 298 -13.80 31.46 1.91
CA ASP A 298 -14.70 32.59 2.22
C ASP A 298 -15.55 32.32 3.44
N ALA A 299 -16.00 31.07 3.61
CA ALA A 299 -16.81 30.72 4.78
C ALA A 299 -15.97 30.90 6.05
N LEU A 300 -14.73 30.38 6.00
CA LEU A 300 -13.85 30.51 7.14
C LEU A 300 -13.57 31.97 7.50
N ASN A 301 -13.52 32.83 6.52
CA ASN A 301 -13.28 34.26 6.75
C ASN A 301 -14.55 35.04 7.07
N GLY A 302 -15.71 34.41 6.96
CA GLY A 302 -16.99 35.10 7.14
C GLY A 302 -17.26 36.06 5.96
N GLY A 303 -16.68 35.89 4.80
CA GLY A 303 -16.79 36.72 3.62
C GLY A 303 -15.51 36.92 2.84
N ASP A 304 -15.47 37.77 1.80
CA ASP A 304 -14.30 37.99 0.98
C ASP A 304 -13.93 39.46 0.70
N SER A 305 -14.13 40.31 1.68
CA SER A 305 -13.85 41.74 1.47
C SER A 305 -12.38 41.95 1.17
N SER A 306 -12.07 43.10 0.58
CA SER A 306 -10.71 43.50 0.26
C SER A 306 -10.68 45.01 0.58
N GLU A 307 -10.53 45.25 1.89
CA GLU A 307 -10.54 46.61 2.40
C GLU A 307 -9.94 46.71 3.79
N PRO A 308 -9.71 47.94 4.24
CA PRO A 308 -9.11 48.19 5.54
C PRO A 308 -10.10 47.62 6.56
N PRO A 309 -9.34 47.24 7.68
CA PRO A 309 -10.15 46.62 8.76
C PRO A 309 -11.05 47.62 9.46
N ALA A 310 -12.18 47.24 9.79
N ALA B 1 14.39 15.25 -14.90
CA ALA B 1 14.13 13.95 -15.61
C ALA B 1 15.41 13.17 -15.82
N GLU B 2 15.21 11.84 -15.96
CA GLU B 2 16.34 10.97 -16.19
C GLU B 2 16.39 10.39 -17.58
N SER B 3 17.54 9.92 -18.00
CA SER B 3 17.71 9.46 -19.37
C SER B 3 17.77 7.95 -19.54
N THR B 4 17.74 7.23 -18.43
CA THR B 4 17.80 5.78 -18.44
C THR B 4 16.69 5.24 -17.51
N LEU B 5 16.22 4.04 -17.83
CA LEU B 5 15.09 3.46 -17.07
C LEU B 5 15.34 3.29 -15.60
N GLY B 6 16.53 2.73 -15.27
CA GLY B 6 16.85 2.48 -13.86
C GLY B 6 16.95 3.76 -13.07
N ALA B 7 17.62 4.78 -13.62
CA ALA B 7 17.74 6.04 -12.92
C ALA B 7 16.38 6.74 -12.75
N ALA B 8 15.52 6.58 -13.77
CA ALA B 8 14.17 7.18 -13.73
C ALA B 8 13.31 6.54 -12.67
N ALA B 9 13.42 5.19 -12.58
CA ALA B 9 12.71 4.45 -11.55
C ALA B 9 13.21 4.83 -10.16
N ALA B 10 14.53 5.01 -10.05
CA ALA B 10 15.13 5.35 -8.76
C ALA B 10 14.64 6.70 -8.22
N GLN B 11 14.14 7.57 -9.08
CA GLN B 11 13.60 8.85 -8.60
C GLN B 11 12.34 8.66 -7.79
N SER B 12 11.63 7.52 -7.90
CA SER B 12 10.52 7.21 -7.06
C SER B 12 10.80 6.06 -6.09
N GLY B 13 12.05 5.72 -5.88
CA GLY B 13 12.43 4.68 -4.95
C GLY B 13 12.26 3.27 -5.55
N ARG B 14 12.19 3.22 -6.88
CA ARG B 14 11.95 1.93 -7.51
C ARG B 14 13.15 1.54 -8.35
N TYR B 15 13.11 0.31 -8.87
CA TYR B 15 14.10 -0.18 -9.80
C TYR B 15 13.47 -0.54 -11.14
N PHE B 16 14.32 -0.62 -12.16
CA PHE B 16 13.94 -1.11 -13.47
C PHE B 16 15.02 -2.14 -13.84
N GLY B 17 14.56 -3.40 -14.00
CA GLY B 17 15.51 -4.47 -14.22
C GLY B 17 15.27 -5.25 -15.50
N THR B 18 16.23 -6.20 -15.72
CA THR B 18 16.12 -7.07 -16.89
C THR B 18 16.58 -8.48 -16.49
N ALA B 19 16.42 -9.40 -17.43
CA ALA B 19 16.91 -10.76 -17.29
C ALA B 19 18.20 -10.86 -18.12
N ILE B 20 19.28 -11.29 -17.49
CA ILE B 20 20.57 -11.42 -18.15
C ILE B 20 20.86 -12.88 -18.41
N ALA B 21 21.34 -13.16 -19.61
CA ALA B 21 21.84 -14.47 -20.01
C ALA B 21 23.36 -14.41 -20.01
N SER B 22 24.04 -15.30 -19.28
CA SER B 22 25.48 -15.29 -19.16
C SER B 22 26.19 -15.43 -20.50
N GLY B 23 25.63 -16.18 -21.42
CA GLY B 23 26.32 -16.35 -22.71
C GLY B 23 26.25 -15.11 -23.58
N ARG B 24 25.42 -14.12 -23.24
CA ARG B 24 25.34 -12.90 -24.02
C ARG B 24 26.26 -11.84 -23.47
N LEU B 25 27.01 -12.10 -22.41
CA LEU B 25 27.87 -11.09 -21.81
C LEU B 25 29.08 -10.74 -22.68
N SER B 26 29.35 -11.50 -23.73
CA SER B 26 30.43 -11.14 -24.65
C SER B 26 29.94 -10.25 -25.79
N ASP B 27 28.65 -9.94 -25.82
CA ASP B 27 28.07 -9.10 -26.87
C ASP B 27 28.08 -7.67 -26.39
N SER B 28 28.91 -6.81 -26.98
CA SER B 28 29.07 -5.47 -26.46
C SER B 28 27.83 -4.61 -26.62
N THR B 29 26.97 -4.85 -27.61
CA THR B 29 25.76 -4.04 -27.68
C THR B 29 24.83 -4.40 -26.52
N TYR B 30 24.76 -5.73 -26.30
CA TYR B 30 23.91 -6.19 -25.19
C TYR B 30 24.33 -5.62 -23.84
N THR B 31 25.65 -5.70 -23.55
CA THR B 31 26.15 -5.19 -22.28
C THR B 31 26.15 -3.67 -22.15
N SER B 32 26.31 -2.97 -23.28
CA SER B 32 26.23 -1.52 -23.22
C SER B 32 24.79 -1.06 -22.86
N ILE B 33 23.83 -1.69 -23.51
CA ILE B 33 22.43 -1.35 -23.23
C ILE B 33 22.11 -1.75 -21.80
N ALA B 34 22.34 -3.05 -21.51
CA ALA B 34 21.92 -3.54 -20.21
C ALA B 34 22.59 -2.86 -19.04
N GLY B 35 23.89 -2.54 -19.21
CA GLY B 35 24.64 -1.86 -18.19
C GLY B 35 24.08 -0.47 -17.90
N ARG B 36 23.74 0.25 -18.97
CA ARG B 36 23.28 1.62 -18.81
C ARG B 36 21.83 1.73 -18.32
N GLU B 37 20.98 0.80 -18.74
CA GLU B 37 19.55 0.99 -18.54
C GLU B 37 18.94 0.39 -17.31
N PHE B 38 19.57 -0.62 -16.73
CA PHE B 38 18.92 -1.29 -15.60
C PHE B 38 19.71 -1.22 -14.31
N ASN B 39 18.99 -1.20 -13.18
CA ASN B 39 19.60 -1.23 -11.86
C ASN B 39 19.21 -2.47 -11.07
N MET B 40 18.68 -3.47 -11.82
CA MET B 40 18.32 -4.75 -11.19
C MET B 40 18.51 -5.84 -12.26
N VAL B 41 18.98 -7.01 -11.85
CA VAL B 41 19.22 -8.13 -12.72
C VAL B 41 18.63 -9.41 -12.12
N THR B 42 18.00 -10.16 -13.02
CA THR B 42 17.61 -11.54 -12.69
C THR B 42 18.40 -12.40 -13.67
N ALA B 43 19.00 -13.50 -13.20
CA ALA B 43 19.62 -14.45 -14.15
C ALA B 43 18.48 -15.13 -14.91
N GLU B 44 18.59 -15.19 -16.23
CA GLU B 44 17.49 -15.77 -17.04
C GLU B 44 17.32 -17.24 -16.74
N ASN B 45 18.45 -17.96 -16.58
CA ASN B 45 18.36 -19.39 -16.29
C ASN B 45 19.39 -19.93 -15.32
N GLU B 46 20.45 -19.16 -15.08
CA GLU B 46 21.63 -19.67 -14.36
C GLU B 46 21.47 -19.92 -12.88
N MET B 47 20.44 -19.37 -12.26
CA MET B 47 20.19 -19.61 -10.85
C MET B 47 19.07 -20.61 -10.61
N LYS B 48 18.57 -21.23 -11.68
CA LYS B 48 17.52 -22.23 -11.56
C LYS B 48 18.07 -23.52 -10.96
N ILE B 49 17.13 -24.44 -10.68
CA ILE B 49 17.52 -25.65 -9.95
C ILE B 49 18.46 -26.56 -10.75
N ASP B 50 18.18 -26.72 -12.03
CA ASP B 50 19.01 -27.60 -12.84
C ASP B 50 20.39 -26.98 -13.04
N ALA B 51 20.47 -25.66 -13.23
CA ALA B 51 21.74 -25.01 -13.42
C ALA B 51 22.65 -25.03 -12.18
N THR B 52 22.05 -24.79 -11.02
CA THR B 52 22.84 -24.73 -9.79
C THR B 52 23.04 -26.07 -9.11
N GLU B 53 22.30 -27.12 -9.45
CA GLU B 53 22.50 -28.42 -8.83
C GLU B 53 22.21 -29.47 -9.87
N PRO B 54 23.14 -29.60 -10.84
CA PRO B 54 22.90 -30.46 -11.99
C PRO B 54 22.87 -31.94 -11.71
N GLN B 55 23.54 -32.31 -10.61
CA GLN B 55 23.55 -33.68 -10.08
C GLN B 55 23.29 -33.51 -8.59
N ARG B 56 22.80 -34.58 -7.94
CA ARG B 56 22.37 -34.39 -6.57
C ARG B 56 23.49 -33.95 -5.67
N GLY B 57 23.28 -32.82 -4.98
CA GLY B 57 24.25 -32.24 -4.10
C GLY B 57 25.51 -31.75 -4.75
N GLN B 58 25.56 -31.65 -6.09
CA GLN B 58 26.73 -31.19 -6.80
C GLN B 58 26.50 -29.73 -7.28
N PHE B 59 26.58 -28.83 -6.32
CA PHE B 59 26.30 -27.43 -6.63
C PHE B 59 27.28 -26.85 -7.62
N ASN B 60 26.76 -26.06 -8.56
CA ASN B 60 27.62 -25.47 -9.59
C ASN B 60 27.14 -24.02 -9.75
N PHE B 61 28.01 -23.11 -9.34
CA PHE B 61 27.64 -21.69 -9.45
C PHE B 61 28.46 -20.96 -10.51
N SER B 62 29.06 -21.68 -11.43
CA SER B 62 29.86 -21.01 -12.45
C SER B 62 29.13 -19.96 -13.27
N SER B 63 28.06 -20.35 -13.93
CA SER B 63 27.31 -19.41 -14.74
C SER B 63 26.49 -18.43 -13.91
N ALA B 64 25.97 -18.91 -12.78
CA ALA B 64 25.23 -18.03 -11.89
C ALA B 64 26.13 -16.90 -11.39
N ASP B 65 27.39 -17.22 -11.01
CA ASP B 65 28.30 -16.20 -10.52
C ASP B 65 28.75 -15.26 -11.61
N ARG B 66 28.80 -15.74 -12.85
CA ARG B 66 29.13 -14.81 -13.97
C ARG B 66 28.03 -13.73 -14.04
N VAL B 67 26.77 -14.12 -13.90
CA VAL B 67 25.69 -13.15 -13.88
C VAL B 67 25.73 -12.25 -12.65
N TYR B 68 25.90 -12.85 -11.47
CA TYR B 68 25.96 -12.05 -10.23
C TYR B 68 27.10 -11.03 -10.33
N ASN B 69 28.27 -11.50 -10.73
CA ASN B 69 29.44 -10.62 -10.73
C ASN B 69 29.26 -9.47 -11.70
N TRP B 70 28.72 -9.76 -12.90
CA TRP B 70 28.45 -8.74 -13.89
C TRP B 70 27.47 -7.74 -13.30
N ALA B 71 26.40 -8.23 -12.72
CA ALA B 71 25.39 -7.33 -12.15
C ALA B 71 25.98 -6.41 -11.08
N VAL B 72 26.66 -6.94 -10.07
CA VAL B 72 27.17 -6.10 -8.99
C VAL B 72 28.32 -5.22 -9.44
N GLN B 73 29.14 -5.66 -10.40
CA GLN B 73 30.20 -4.78 -10.89
C GLN B 73 29.59 -3.58 -11.57
N ASN B 74 28.41 -3.77 -12.16
CA ASN B 74 27.71 -2.77 -12.92
C ASN B 74 26.61 -2.09 -12.15
N GLY B 75 26.65 -2.20 -10.80
CA GLY B 75 25.74 -1.47 -9.97
C GLY B 75 24.30 -1.93 -9.99
N LYS B 76 24.05 -3.21 -10.28
CA LYS B 76 22.66 -3.66 -10.20
C LYS B 76 22.54 -4.59 -8.99
N GLN B 77 21.40 -4.55 -8.35
CA GLN B 77 21.09 -5.56 -7.34
C GLN B 77 20.62 -6.79 -8.16
N VAL B 78 20.38 -7.89 -7.46
CA VAL B 78 20.01 -9.15 -8.05
C VAL B 78 18.79 -9.78 -7.39
N ARG B 79 17.83 -10.17 -8.25
CA ARG B 79 16.71 -10.99 -7.83
C ARG B 79 17.15 -12.45 -8.08
N GLY B 80 17.16 -13.29 -7.05
CA GLY B 80 17.51 -14.70 -7.26
C GLY B 80 16.30 -15.42 -7.83
N HIS B 81 16.51 -16.23 -8.86
CA HIS B 81 15.35 -16.94 -9.46
C HIS B 81 15.83 -18.32 -9.91
N THR B 82 15.27 -19.39 -9.42
CA THR B 82 14.20 -19.56 -8.48
C THR B 82 14.47 -20.86 -7.73
N LEU B 83 14.09 -20.97 -6.47
CA LEU B 83 14.56 -22.09 -5.63
C LEU B 83 13.73 -23.34 -5.63
N ALA B 84 12.42 -23.25 -5.88
CA ALA B 84 11.56 -24.44 -5.83
C ALA B 84 10.47 -24.25 -6.87
N TRP B 85 10.44 -25.17 -7.84
CA TRP B 85 9.63 -25.00 -9.04
C TRP B 85 9.45 -26.36 -9.70
N HIS B 86 8.30 -26.63 -10.26
CA HIS B 86 8.08 -27.87 -10.98
C HIS B 86 8.87 -27.92 -12.26
N SER B 87 9.27 -26.78 -12.83
CA SER B 87 9.92 -26.73 -14.14
C SER B 87 11.42 -26.52 -14.04
N GLN B 88 12.15 -26.96 -15.10
CA GLN B 88 13.58 -26.89 -15.13
C GLN B 88 14.27 -27.56 -13.95
N GLN B 89 13.63 -28.67 -13.47
CA GLN B 89 14.31 -29.46 -12.47
C GLN B 89 15.30 -30.38 -13.21
N PRO B 90 16.41 -30.64 -12.57
CA PRO B 90 17.35 -31.63 -13.16
C PRO B 90 16.67 -32.99 -13.05
N GLY B 91 17.03 -33.95 -13.90
CA GLY B 91 16.41 -35.25 -13.94
C GLY B 91 16.42 -35.96 -12.62
N TRP B 92 17.53 -35.84 -11.87
CA TRP B 92 17.62 -36.53 -10.60
C TRP B 92 16.54 -36.05 -9.61
N MET B 93 16.15 -34.78 -9.68
CA MET B 93 15.13 -34.27 -8.77
C MET B 93 13.75 -34.67 -9.27
N GLN B 94 13.59 -34.63 -10.59
CA GLN B 94 12.33 -35.04 -11.21
C GLN B 94 11.95 -36.45 -10.74
N SER B 95 12.92 -37.31 -10.61
CA SER B 95 12.70 -38.70 -10.22
C SER B 95 12.44 -38.88 -8.75
N LEU B 96 12.66 -37.88 -7.91
CA LEU B 96 12.37 -38.03 -6.50
C LEU B 96 10.91 -37.67 -6.21
N SER B 97 10.42 -38.26 -5.12
CA SER B 97 9.09 -38.00 -4.65
C SER B 97 9.06 -38.07 -3.13
N GLY B 98 7.98 -37.55 -2.57
CA GLY B 98 7.76 -37.65 -1.15
C GLY B 98 8.85 -37.12 -0.26
N SER B 99 9.12 -37.83 0.85
CA SER B 99 10.07 -37.31 1.81
C SER B 99 11.48 -37.17 1.26
N ALA B 100 11.90 -37.98 0.32
CA ALA B 100 13.22 -37.86 -0.30
C ALA B 100 13.29 -36.56 -1.12
N LEU B 101 12.17 -36.27 -1.82
CA LEU B 101 12.14 -35.00 -2.54
C LEU B 101 12.14 -33.84 -1.57
N ARG B 102 11.36 -33.97 -0.48
CA ARG B 102 11.27 -32.87 0.49
C ARG B 102 12.66 -32.53 1.00
N GLN B 103 13.46 -33.54 1.37
CA GLN B 103 14.80 -33.27 1.86
C GLN B 103 15.68 -32.64 0.78
N ALA B 104 15.56 -33.11 -0.47
CA ALA B 104 16.32 -32.51 -1.58
C ALA B 104 15.88 -31.06 -1.82
N MET B 105 14.61 -30.77 -1.65
CA MET B 105 14.14 -29.39 -1.83
C MET B 105 14.73 -28.46 -0.78
N ILE B 106 14.68 -28.89 0.47
CA ILE B 106 15.27 -28.11 1.56
C ILE B 106 16.76 -27.95 1.31
N ASP B 107 17.44 -29.05 0.93
CA ASP B 107 18.88 -29.02 0.69
C ASP B 107 19.24 -28.06 -0.45
N HIS B 108 18.42 -28.05 -1.50
CA HIS B 108 18.70 -27.12 -2.60
C HIS B 108 18.57 -25.66 -2.18
N ILE B 109 17.50 -25.34 -1.45
CA ILE B 109 17.30 -23.98 -0.93
C ILE B 109 18.49 -23.58 -0.05
N ASN B 110 18.87 -24.47 0.89
CA ASN B 110 19.97 -24.12 1.76
C ASN B 110 21.28 -23.96 1.01
N GLY B 111 21.60 -24.82 0.05
CA GLY B 111 22.88 -24.71 -0.63
C GLY B 111 23.02 -23.46 -1.45
N VAL B 112 21.97 -23.16 -2.23
CA VAL B 112 22.00 -21.99 -3.07
C VAL B 112 21.93 -20.72 -2.24
N MET B 113 21.02 -20.63 -1.28
CA MET B 113 20.94 -19.39 -0.49
C MET B 113 22.21 -19.14 0.32
N ALA B 114 22.85 -20.18 0.81
CA ALA B 114 24.12 -19.95 1.55
C ALA B 114 25.17 -19.34 0.66
N HIS B 115 25.24 -19.74 -0.60
CA HIS B 115 26.26 -19.21 -1.50
C HIS B 115 26.08 -17.72 -1.73
N TYR B 116 24.85 -17.23 -1.68
CA TYR B 116 24.54 -15.84 -1.92
C TYR B 116 24.00 -15.12 -0.68
N LYS B 117 24.31 -15.62 0.51
CA LYS B 117 23.75 -15.06 1.73
C LYS B 117 24.15 -13.59 1.92
N GLY B 118 23.14 -12.79 2.10
CA GLY B 118 23.33 -11.35 2.27
C GLY B 118 23.57 -10.61 0.99
N LYS B 119 23.50 -11.21 -0.18
CA LYS B 119 23.86 -10.62 -1.44
C LYS B 119 22.71 -10.46 -2.42
N ILE B 120 21.57 -10.99 -2.05
CA ILE B 120 20.39 -11.02 -2.93
C ILE B 120 19.22 -10.26 -2.32
N VAL B 121 18.74 -9.23 -3.00
CA VAL B 121 17.69 -8.42 -2.40
C VAL B 121 16.33 -9.10 -2.32
N GLN B 122 15.98 -9.88 -3.36
CA GLN B 122 14.74 -10.62 -3.40
C GLN B 122 15.00 -12.04 -3.98
N TRP B 123 14.39 -13.04 -3.38
CA TRP B 123 14.43 -14.38 -3.97
C TRP B 123 13.01 -14.75 -4.41
N ASP B 124 12.88 -15.33 -5.60
CA ASP B 124 11.68 -16.06 -6.02
C ASP B 124 11.84 -17.43 -5.37
N VAL B 125 11.32 -17.58 -4.16
CA VAL B 125 11.53 -18.84 -3.44
C VAL B 125 10.74 -19.96 -4.08
N VAL B 126 9.49 -19.69 -4.38
CA VAL B 126 8.61 -20.68 -5.00
C VAL B 126 8.01 -20.05 -6.26
N ASN B 127 7.95 -20.80 -7.35
CA ASN B 127 7.43 -20.30 -8.60
C ASN B 127 6.33 -21.21 -9.14
N GLU B 128 5.25 -20.61 -9.63
CA GLU B 128 4.23 -21.28 -10.42
C GLU B 128 3.61 -22.52 -9.80
N ALA B 129 3.16 -22.36 -8.56
CA ALA B 129 2.55 -23.49 -7.84
C ALA B 129 1.06 -23.62 -8.09
N PHE B 130 0.36 -22.69 -8.75
CA PHE B 130 -1.05 -22.84 -8.97
C PHE B 130 -1.34 -23.40 -10.37
N ALA B 131 -2.39 -24.20 -10.48
CA ALA B 131 -2.79 -24.69 -11.78
C ALA B 131 -3.38 -23.59 -12.63
N ASP B 132 -3.30 -23.80 -13.98
CA ASP B 132 -4.09 -22.91 -14.83
C ASP B 132 -5.55 -23.34 -14.82
N GLY B 133 -6.41 -22.51 -15.38
CA GLY B 133 -7.84 -22.81 -15.38
C GLY B 133 -8.56 -22.11 -14.22
N SER B 134 -9.80 -22.56 -13.94
CA SER B 134 -10.60 -21.86 -12.97
C SER B 134 -10.88 -22.66 -11.70
N SER B 135 -10.11 -23.71 -11.44
CA SER B 135 -10.38 -24.51 -10.25
C SER B 135 -9.89 -23.93 -8.95
N GLY B 136 -8.89 -23.06 -9.04
CA GLY B 136 -8.25 -22.55 -7.82
C GLY B 136 -7.27 -23.54 -7.18
N ALA B 137 -6.96 -24.64 -7.88
CA ALA B 137 -6.15 -25.67 -7.30
C ALA B 137 -4.66 -25.50 -7.48
N ARG B 138 -3.96 -26.25 -6.65
CA ARG B 138 -2.51 -26.28 -6.75
C ARG B 138 -2.13 -27.09 -7.99
N ARG B 139 -1.06 -26.70 -8.65
CA ARG B 139 -0.56 -27.49 -9.79
C ARG B 139 -0.05 -28.83 -9.28
N ASP B 140 -0.35 -29.87 -10.06
CA ASP B 140 0.11 -31.24 -9.75
C ASP B 140 1.55 -31.34 -10.17
N SER B 141 2.45 -31.59 -9.25
CA SER B 141 3.88 -31.74 -9.49
C SER B 141 4.42 -32.65 -8.39
N ASN B 142 5.66 -33.12 -8.60
CA ASN B 142 6.25 -33.92 -7.51
C ASN B 142 6.30 -33.16 -6.19
N LEU B 143 6.56 -31.85 -6.28
CA LEU B 143 6.62 -31.03 -5.08
C LEU B 143 5.28 -30.98 -4.39
N GLN B 144 4.21 -30.74 -5.14
CA GLN B 144 2.88 -30.71 -4.53
C GLN B 144 2.52 -32.06 -3.93
N ARG B 145 2.86 -33.16 -4.62
CA ARG B 145 2.53 -34.50 -4.11
C ARG B 145 3.33 -34.85 -2.86
N SER B 146 4.42 -34.16 -2.56
CA SER B 146 5.16 -34.37 -1.34
C SER B 146 4.37 -33.86 -0.14
N GLY B 147 3.44 -32.94 -0.36
CA GLY B 147 2.61 -32.40 0.71
C GLY B 147 2.25 -30.96 0.39
N ASN B 148 1.04 -30.55 0.73
CA ASN B 148 0.61 -29.17 0.45
C ASN B 148 1.48 -28.15 1.17
N ASP B 149 2.07 -28.52 2.28
CA ASP B 149 2.99 -27.70 3.03
C ASP B 149 4.32 -27.44 2.34
N TRP B 150 4.57 -27.89 1.11
CA TRP B 150 5.89 -27.66 0.53
C TRP B 150 6.18 -26.17 0.37
N ILE B 151 5.15 -25.40 0.03
CA ILE B 151 5.39 -23.96 -0.19
C ILE B 151 5.77 -23.31 1.13
N GLU B 152 4.98 -23.52 2.17
CA GLU B 152 5.28 -22.98 3.50
C GLU B 152 6.65 -23.44 4.00
N VAL B 153 7.01 -24.71 3.81
CA VAL B 153 8.30 -25.22 4.23
C VAL B 153 9.42 -24.54 3.45
N ALA B 154 9.22 -24.32 2.17
CA ALA B 154 10.22 -23.61 1.36
C ALA B 154 10.51 -22.23 1.91
N PHE B 155 9.44 -21.48 2.23
CA PHE B 155 9.59 -20.12 2.77
C PHE B 155 10.23 -20.16 4.16
N ARG B 156 9.84 -21.06 5.03
CA ARG B 156 10.47 -21.14 6.38
C ARG B 156 11.94 -21.52 6.24
N THR B 157 12.26 -22.41 5.29
CA THR B 157 13.68 -22.76 5.09
C THR B 157 14.46 -21.56 4.60
N ALA B 158 13.91 -20.82 3.65
CA ALA B 158 14.59 -19.67 3.04
C ALA B 158 14.85 -18.56 4.05
N ARG B 159 13.84 -18.31 4.91
CA ARG B 159 14.00 -17.23 5.90
C ARG B 159 15.14 -17.57 6.85
N ALA B 160 15.24 -18.82 7.26
CA ALA B 160 16.37 -19.18 8.13
C ALA B 160 17.70 -19.16 7.42
N ALA B 161 17.73 -19.51 6.13
CA ALA B 161 18.98 -19.53 5.39
C ALA B 161 19.56 -18.15 5.13
N ASP B 162 18.69 -17.17 4.92
CA ASP B 162 19.14 -15.80 4.69
C ASP B 162 18.01 -14.88 5.09
N PRO B 163 18.06 -14.41 6.33
CA PRO B 163 17.06 -13.51 6.87
C PRO B 163 17.09 -12.13 6.24
N SER B 164 18.12 -11.77 5.48
CA SER B 164 18.23 -10.46 4.87
C SER B 164 17.49 -10.36 3.54
N ALA B 165 17.18 -11.49 2.92
CA ALA B 165 16.50 -11.45 1.65
C ALA B 165 15.00 -11.32 1.75
N LYS B 166 14.42 -10.52 0.84
CA LYS B 166 12.96 -10.51 0.76
C LYS B 166 12.53 -11.79 0.01
N LEU B 167 11.58 -12.51 0.56
CA LEU B 167 11.15 -13.82 0.03
C LEU B 167 9.84 -13.68 -0.74
N CYS B 168 9.94 -13.94 -2.06
CA CYS B 168 8.76 -13.81 -2.91
C CYS B 168 8.18 -15.14 -3.38
N TYR B 169 6.85 -15.12 -3.54
CA TYR B 169 6.06 -16.11 -4.27
C TYR B 169 5.81 -15.52 -5.67
N ASN B 170 6.09 -16.23 -6.74
CA ASN B 170 5.97 -15.66 -8.11
C ASN B 170 5.08 -16.52 -9.00
N ASP B 171 4.23 -15.91 -9.81
CA ASP B 171 3.35 -16.71 -10.67
C ASP B 171 2.87 -15.89 -11.85
N TYR B 172 2.26 -16.54 -12.83
CA TYR B 172 1.74 -15.94 -14.07
C TYR B 172 0.24 -16.18 -14.17
N ASN B 173 -0.45 -15.44 -15.02
CA ASN B 173 -1.87 -15.52 -15.20
C ASN B 173 -2.59 -15.27 -13.86
N VAL B 174 -2.04 -14.33 -13.09
CA VAL B 174 -2.56 -13.92 -11.79
C VAL B 174 -2.60 -12.39 -11.75
N GLU B 175 -2.60 -11.77 -12.92
CA GLU B 175 -2.63 -10.29 -12.97
C GLU B 175 -4.02 -9.68 -13.03
N ASN B 176 -4.96 -10.44 -13.61
CA ASN B 176 -6.35 -9.96 -13.67
C ASN B 176 -7.03 -10.34 -12.38
N TRP B 177 -7.57 -9.34 -11.68
CA TRP B 177 -8.16 -9.52 -10.37
C TRP B 177 -9.30 -10.52 -10.37
N THR B 178 -10.03 -10.59 -11.48
CA THR B 178 -11.19 -11.46 -11.48
C THR B 178 -10.90 -12.93 -11.63
N TRP B 179 -9.70 -13.38 -11.99
CA TRP B 179 -9.44 -14.77 -12.27
C TRP B 179 -9.34 -15.62 -11.03
N ALA B 180 -9.82 -16.87 -11.15
CA ALA B 180 -9.74 -17.82 -10.05
C ALA B 180 -8.30 -18.08 -9.58
N LYS B 181 -7.37 -18.10 -10.52
CA LYS B 181 -5.96 -18.34 -10.20
C LYS B 181 -5.45 -17.19 -9.34
N THR B 182 -5.74 -15.96 -9.71
CA THR B 182 -5.36 -14.80 -8.90
C THR B 182 -5.90 -14.92 -7.49
N GLN B 183 -7.17 -15.30 -7.34
CA GLN B 183 -7.82 -15.43 -6.05
C GLN B 183 -7.23 -16.57 -5.23
N ALA B 184 -6.80 -17.66 -5.88
CA ALA B 184 -6.18 -18.76 -5.17
C ALA B 184 -4.84 -18.32 -4.56
N MET B 185 -4.08 -17.55 -5.35
CA MET B 185 -2.82 -16.97 -4.89
C MET B 185 -3.11 -16.02 -3.75
N TYR B 186 -4.11 -15.15 -3.88
CA TYR B 186 -4.48 -14.22 -2.84
C TYR B 186 -4.83 -14.94 -1.56
N ASN B 187 -5.66 -16.00 -1.68
CA ASN B 187 -6.02 -16.71 -0.45
C ASN B 187 -4.83 -17.32 0.22
N MET B 188 -3.85 -17.83 -0.54
CA MET B 188 -2.65 -18.43 0.08
C MET B 188 -1.82 -17.38 0.78
N VAL B 189 -1.56 -16.25 0.09
CA VAL B 189 -0.72 -15.24 0.74
C VAL B 189 -1.41 -14.64 1.98
N ARG B 190 -2.74 -14.52 1.89
CA ARG B 190 -3.48 -14.01 3.07
C ARG B 190 -3.32 -14.98 4.26
N ASP B 191 -3.53 -16.27 3.93
CA ASP B 191 -3.39 -17.30 4.96
C ASP B 191 -2.00 -17.35 5.57
N PHE B 192 -0.97 -17.21 4.75
CA PHE B 192 0.42 -17.20 5.19
C PHE B 192 0.62 -16.02 6.15
N LYS B 193 0.10 -14.86 5.80
CA LYS B 193 0.27 -13.69 6.67
C LYS B 193 -0.53 -13.84 7.94
N GLN B 194 -1.64 -14.56 7.91
CA GLN B 194 -2.40 -14.81 9.13
C GLN B 194 -1.75 -15.81 10.07
N ARG B 195 -0.98 -16.78 9.52
CA ARG B 195 -0.34 -17.78 10.32
C ARG B 195 1.14 -17.54 10.62
N GLY B 196 1.69 -16.45 10.11
CA GLY B 196 3.10 -16.16 10.40
C GLY B 196 4.10 -16.83 9.46
N VAL B 197 3.62 -17.40 8.35
CA VAL B 197 4.60 -17.94 7.37
C VAL B 197 5.33 -16.80 6.77
N PRO B 198 6.67 -16.85 6.73
CA PRO B 198 7.51 -15.76 6.28
C PRO B 198 7.43 -15.58 4.78
N ILE B 199 6.76 -14.56 4.33
CA ILE B 199 6.61 -14.24 2.93
C ILE B 199 6.59 -12.71 2.88
N ASP B 200 7.47 -12.13 2.08
CA ASP B 200 7.62 -10.69 2.03
C ASP B 200 7.13 -9.99 0.77
N CYS B 201 6.92 -10.77 -0.28
CA CYS B 201 6.61 -10.19 -1.58
C CYS B 201 5.94 -11.21 -2.46
N VAL B 202 5.21 -10.65 -3.41
CA VAL B 202 4.52 -11.40 -4.45
C VAL B 202 4.98 -10.85 -5.79
N GLY B 203 5.40 -11.76 -6.67
CA GLY B 203 5.84 -11.43 -8.01
C GLY B 203 4.78 -11.81 -9.05
N PHE B 204 4.51 -10.86 -9.92
CA PHE B 204 3.53 -11.00 -11.00
C PHE B 204 4.38 -11.05 -12.27
N GLN B 205 4.41 -12.20 -12.93
CA GLN B 205 5.26 -12.39 -14.09
C GLN B 205 4.95 -11.38 -15.17
N SER B 206 3.70 -11.06 -15.38
CA SER B 206 3.32 -10.03 -16.33
C SER B 206 3.64 -10.34 -17.77
N HIS B 207 3.48 -11.60 -18.18
CA HIS B 207 3.56 -11.99 -19.60
C HIS B 207 2.20 -11.68 -20.24
N PHE B 208 2.07 -10.48 -20.80
CA PHE B 208 0.82 -10.09 -21.43
C PHE B 208 0.84 -10.34 -22.93
N ASN B 209 -0.24 -10.96 -23.42
CA ASN B 209 -0.29 -11.28 -24.85
C ASN B 209 -1.75 -11.52 -25.21
N SER B 210 -2.05 -11.95 -26.45
CA SER B 210 -3.47 -12.08 -26.80
C SER B 210 -4.19 -13.16 -26.01
N GLY B 211 -3.52 -14.18 -25.55
CA GLY B 211 -4.11 -15.26 -24.75
C GLY B 211 -4.36 -14.78 -23.31
N SER B 212 -3.57 -13.83 -22.84
CA SER B 212 -3.74 -13.32 -21.47
C SER B 212 -3.44 -11.85 -21.44
N PRO B 213 -4.42 -11.07 -21.86
CA PRO B 213 -4.26 -9.66 -22.04
C PRO B 213 -4.24 -8.88 -20.74
N TYR B 214 -3.49 -7.77 -20.82
CA TYR B 214 -3.52 -6.83 -19.71
C TYR B 214 -4.94 -6.34 -19.48
N ASN B 215 -5.32 -6.11 -18.23
CA ASN B 215 -6.56 -5.48 -17.86
C ASN B 215 -6.16 -4.38 -16.90
N SER B 216 -6.91 -3.26 -16.96
CA SER B 216 -6.67 -2.15 -16.07
C SER B 216 -6.89 -2.53 -14.59
N ASN B 217 -7.58 -3.64 -14.30
CA ASN B 217 -7.71 -4.07 -12.90
C ASN B 217 -6.41 -4.68 -12.38
N PHE B 218 -5.34 -4.72 -13.17
CA PHE B 218 -4.03 -5.11 -12.63
C PHE B 218 -3.69 -4.22 -11.45
N ARG B 219 -4.06 -2.93 -11.50
CA ARG B 219 -3.79 -2.01 -10.40
C ARG B 219 -4.54 -2.47 -9.15
N THR B 220 -5.74 -3.00 -9.30
CA THR B 220 -6.55 -3.51 -8.21
C THR B 220 -5.87 -4.73 -7.61
N THR B 221 -5.36 -5.59 -8.49
CA THR B 221 -4.61 -6.76 -8.03
C THR B 221 -3.39 -6.35 -7.20
N LEU B 222 -2.57 -5.46 -7.75
CA LEU B 222 -1.40 -4.96 -7.05
C LEU B 222 -1.78 -4.38 -5.68
N GLN B 223 -2.77 -3.52 -5.67
CA GLN B 223 -3.20 -2.87 -4.44
C GLN B 223 -3.67 -3.87 -3.40
N ASN B 224 -4.47 -4.85 -3.82
CA ASN B 224 -5.06 -5.80 -2.89
C ASN B 224 -4.00 -6.71 -2.31
N PHE B 225 -2.99 -7.13 -3.10
CA PHE B 225 -1.89 -7.90 -2.53
C PHE B 225 -1.05 -7.07 -1.59
N ALA B 226 -0.72 -5.81 -1.95
CA ALA B 226 0.08 -4.97 -1.05
C ALA B 226 -0.62 -4.84 0.30
N ALA B 227 -1.95 -4.76 0.27
CA ALA B 227 -2.76 -4.58 1.48
C ALA B 227 -2.69 -5.76 2.42
N LEU B 228 -2.17 -6.91 1.99
CA LEU B 228 -1.94 -8.06 2.83
C LEU B 228 -0.66 -7.88 3.63
N GLY B 229 0.13 -6.86 3.34
CA GLY B 229 1.38 -6.63 4.09
C GLY B 229 2.58 -7.24 3.39
N VAL B 230 2.55 -7.30 2.07
CA VAL B 230 3.69 -7.78 1.28
C VAL B 230 4.01 -6.73 0.23
N ASP B 231 5.25 -6.67 -0.23
CA ASP B 231 5.61 -5.85 -1.37
C ASP B 231 5.17 -6.65 -2.62
N VAL B 232 5.01 -5.93 -3.71
CA VAL B 232 4.67 -6.53 -5.02
C VAL B 232 5.73 -6.12 -6.01
N ALA B 233 6.00 -7.03 -6.96
CA ALA B 233 7.00 -6.78 -7.99
C ALA B 233 6.49 -7.33 -9.34
N ILE B 234 6.82 -6.60 -10.38
CA ILE B 234 6.48 -7.06 -11.76
C ILE B 234 7.76 -7.73 -12.21
N THR B 235 7.79 -9.04 -12.40
CA THR B 235 9.05 -9.76 -12.48
C THR B 235 9.51 -10.19 -13.83
N GLU B 236 8.60 -10.44 -14.81
CA GLU B 236 9.13 -11.01 -16.08
C GLU B 236 8.37 -10.34 -17.24
N LEU B 237 8.15 -9.02 -17.10
CA LEU B 237 7.32 -8.32 -18.09
C LEU B 237 7.79 -8.41 -19.51
N ASP B 238 6.84 -8.73 -20.38
CA ASP B 238 6.99 -8.66 -21.82
C ASP B 238 5.55 -8.57 -22.36
N ILE B 239 5.40 -7.89 -23.48
CA ILE B 239 4.06 -7.65 -24.04
C ILE B 239 4.08 -7.86 -25.55
N GLN B 240 3.27 -8.79 -26.00
CA GLN B 240 3.21 -9.15 -27.41
C GLN B 240 3.04 -7.89 -28.26
N GLY B 241 3.97 -7.68 -29.20
CA GLY B 241 3.99 -6.50 -30.05
C GLY B 241 4.60 -5.25 -29.48
N ALA B 242 4.89 -5.23 -28.18
CA ALA B 242 5.46 -4.13 -27.46
C ALA B 242 4.73 -2.84 -27.72
N PRO B 243 3.42 -2.84 -27.47
CA PRO B 243 2.64 -1.61 -27.58
C PRO B 243 3.08 -0.61 -26.52
N ALA B 244 3.29 0.64 -26.93
CA ALA B 244 3.65 1.69 -25.99
C ALA B 244 2.54 1.95 -24.97
N SER B 245 1.28 1.86 -25.40
CA SER B 245 0.13 2.03 -24.54
C SER B 245 0.16 1.08 -23.33
N THR B 246 0.21 -0.21 -23.61
CA THR B 246 0.19 -1.19 -22.51
C THR B 246 1.44 -1.12 -21.66
N TYR B 247 2.59 -0.87 -22.27
CA TYR B 247 3.80 -0.75 -21.45
C TYR B 247 3.70 0.44 -20.51
N ALA B 248 3.16 1.56 -21.00
CA ALA B 248 2.92 2.68 -20.10
C ALA B 248 1.90 2.35 -19.01
N ASN B 249 0.82 1.65 -19.38
CA ASN B 249 -0.23 1.32 -18.41
C ASN B 249 0.36 0.51 -17.24
N VAL B 250 1.17 -0.51 -17.58
CA VAL B 250 1.75 -1.34 -16.53
C VAL B 250 2.70 -0.52 -15.65
N THR B 251 3.50 0.35 -16.29
CA THR B 251 4.42 1.20 -15.56
C THR B 251 3.68 2.10 -14.59
N ASN B 252 2.61 2.75 -15.08
CA ASN B 252 1.81 3.61 -14.21
C ASN B 252 1.10 2.84 -13.13
N ASP B 253 0.68 1.59 -13.35
CA ASP B 253 0.07 0.79 -12.28
C ASP B 253 1.09 0.60 -11.16
N CYS B 254 2.35 0.29 -11.50
CA CYS B 254 3.35 0.12 -10.44
C CYS B 254 3.58 1.44 -9.71
N LEU B 255 3.68 2.53 -10.46
CA LEU B 255 3.94 3.83 -9.84
C LEU B 255 2.80 4.22 -8.95
N ALA B 256 1.59 3.72 -9.12
CA ALA B 256 0.45 4.06 -8.32
C ALA B 256 0.33 3.28 -7.01
N VAL B 257 1.17 2.25 -6.83
CA VAL B 257 1.13 1.36 -5.70
C VAL B 257 2.40 1.53 -4.90
N SER B 258 2.26 2.02 -3.64
CA SER B 258 3.45 2.34 -2.88
C SER B 258 4.44 1.19 -2.67
N ARG B 259 3.90 -0.02 -2.52
CA ARG B 259 4.75 -1.18 -2.29
C ARG B 259 5.11 -1.93 -3.58
N CYS B 260 4.84 -1.34 -4.74
CA CYS B 260 5.33 -1.94 -5.99
C CYS B 260 6.80 -1.52 -6.07
N LEU B 261 7.70 -2.47 -5.85
CA LEU B 261 9.13 -2.25 -5.74
C LEU B 261 9.81 -1.84 -7.03
N GLY B 262 9.31 -2.37 -8.15
CA GLY B 262 9.98 -2.11 -9.42
C GLY B 262 9.44 -3.08 -10.48
N ILE B 263 10.03 -2.92 -11.66
CA ILE B 263 9.64 -3.66 -12.84
C ILE B 263 10.91 -4.27 -13.43
N THR B 264 10.80 -5.56 -13.75
CA THR B 264 11.80 -6.24 -14.57
C THR B 264 11.16 -6.65 -15.90
N VAL B 265 11.80 -6.32 -17.02
CA VAL B 265 11.39 -6.81 -18.33
C VAL B 265 12.21 -8.05 -18.62
N TRP B 266 11.62 -9.03 -19.29
CA TRP B 266 12.25 -10.34 -19.42
C TRP B 266 13.19 -10.42 -20.61
N GLY B 267 14.26 -9.63 -20.53
CA GLY B 267 15.30 -9.62 -21.54
C GLY B 267 15.57 -8.19 -22.04
N VAL B 268 16.52 -8.04 -22.94
CA VAL B 268 16.96 -6.74 -23.44
C VAL B 268 16.39 -6.43 -24.83
N ARG B 269 16.92 -7.04 -25.90
CA ARG B 269 16.43 -6.79 -27.25
C ARG B 269 15.43 -7.88 -27.62
N ASP B 270 14.56 -7.64 -28.61
CA ASP B 270 13.65 -8.71 -29.02
C ASP B 270 14.38 -10.00 -29.36
N SER B 271 15.55 -9.97 -30.00
CA SER B 271 16.25 -11.18 -30.39
C SER B 271 16.80 -11.94 -29.19
N ASP B 272 16.87 -11.31 -28.02
CA ASP B 272 17.25 -11.97 -26.78
C ASP B 272 16.07 -12.64 -26.09
N SER B 273 14.87 -12.32 -26.54
CA SER B 273 13.69 -12.84 -25.84
C SER B 273 13.45 -14.32 -26.06
N TRP B 274 12.94 -14.95 -24.98
CA TRP B 274 12.42 -16.30 -25.06
C TRP B 274 11.24 -16.43 -26.02
N ARG B 275 10.60 -15.32 -26.34
CA ARG B 275 9.46 -15.21 -27.24
C ARG B 275 9.71 -14.12 -28.29
N SER B 276 10.88 -14.18 -28.92
CA SER B 276 11.29 -13.21 -29.91
C SER B 276 10.27 -13.01 -31.03
N GLU B 277 9.57 -14.08 -31.41
CA GLU B 277 8.56 -14.01 -32.47
C GLU B 277 7.43 -13.06 -32.13
N GLN B 278 7.18 -12.79 -30.84
CA GLN B 278 6.16 -11.87 -30.38
C GLN B 278 6.69 -10.46 -30.21
N THR B 279 7.90 -10.15 -30.62
CA THR B 279 8.63 -8.90 -30.53
C THR B 279 8.18 -8.09 -29.32
N PRO B 280 8.47 -8.59 -28.13
CA PRO B 280 7.82 -8.15 -26.93
C PRO B 280 8.55 -7.25 -25.95
N LEU B 281 9.75 -6.87 -26.30
CA LEU B 281 10.64 -6.14 -25.40
C LEU B 281 10.84 -4.69 -25.85
N LEU B 282 11.68 -3.98 -25.15
CA LEU B 282 11.80 -2.53 -25.35
C LEU B 282 12.84 -2.09 -26.35
N PHE B 283 13.75 -2.99 -26.75
CA PHE B 283 14.80 -2.66 -27.69
C PHE B 283 14.68 -3.52 -28.94
N ASN B 284 14.98 -2.87 -30.07
CA ASN B 284 14.99 -3.59 -31.34
C ASN B 284 16.18 -4.54 -31.46
N ASN B 285 16.18 -5.39 -32.47
CA ASN B 285 17.29 -6.32 -32.69
C ASN B 285 18.63 -5.62 -32.84
N ASP B 286 18.64 -4.43 -33.42
CA ASP B 286 19.86 -3.64 -33.59
C ASP B 286 20.22 -2.79 -32.40
N GLY B 287 19.50 -2.93 -31.26
CA GLY B 287 19.78 -2.22 -30.05
C GLY B 287 19.12 -0.85 -29.93
N SER B 288 18.40 -0.45 -30.99
CA SER B 288 17.73 0.86 -30.88
C SER B 288 16.50 0.78 -29.99
N LYS B 289 16.16 1.94 -29.43
CA LYS B 289 15.00 2.04 -28.56
C LYS B 289 13.70 2.01 -29.34
N LYS B 290 12.72 1.26 -28.87
CA LYS B 290 11.41 1.24 -29.51
C LYS B 290 10.61 2.39 -28.85
N ALA B 291 9.46 2.66 -29.52
CA ALA B 291 8.55 3.66 -28.94
C ALA B 291 8.13 3.25 -27.53
N ALA B 292 7.95 1.96 -27.27
CA ALA B 292 7.59 1.53 -25.92
C ALA B 292 8.65 1.89 -24.86
N TYR B 293 9.93 1.90 -25.23
CA TYR B 293 10.99 2.35 -24.35
C TYR B 293 10.70 3.78 -23.89
N THR B 294 10.45 4.68 -24.85
CA THR B 294 10.22 6.08 -24.50
C THR B 294 8.98 6.26 -23.67
N ALA B 295 7.94 5.45 -23.93
CA ALA B 295 6.72 5.56 -23.14
C ALA B 295 6.95 5.13 -21.70
N VAL B 296 7.79 4.11 -21.46
CA VAL B 296 8.11 3.68 -20.12
C VAL B 296 8.96 4.75 -19.43
N LEU B 297 9.93 5.29 -20.15
CA LEU B 297 10.83 6.30 -19.60
C LEU B 297 9.99 7.52 -19.23
N ASP B 298 9.12 7.99 -20.15
CA ASP B 298 8.28 9.14 -19.83
C ASP B 298 7.38 8.89 -18.62
N ALA B 299 6.79 7.68 -18.54
CA ALA B 299 5.96 7.38 -17.38
C ALA B 299 6.77 7.44 -16.09
N LEU B 300 7.96 6.85 -16.09
CA LEU B 300 8.78 6.87 -14.88
C LEU B 300 9.17 8.30 -14.49
N ASN B 301 9.37 9.13 -15.47
CA ASN B 301 9.75 10.52 -15.26
C ASN B 301 8.57 11.40 -14.92
N GLY B 302 7.36 10.93 -15.11
CA GLY B 302 6.13 11.67 -14.92
C GLY B 302 5.92 12.65 -16.05
N GLY B 303 6.54 12.54 -17.21
CA GLY B 303 6.32 13.47 -18.31
C GLY B 303 7.47 13.46 -19.29
N ASP B 304 7.43 14.25 -20.36
CA ASP B 304 8.45 14.29 -21.38
C ASP B 304 9.40 15.47 -21.51
N SER B 305 9.56 16.33 -20.55
CA SER B 305 10.48 17.45 -20.68
C SER B 305 10.21 18.40 -21.84
N SER B 306 8.95 18.59 -22.15
CA SER B 306 8.58 19.51 -23.25
C SER B 306 8.45 20.94 -22.77
N GLU B 307 8.45 21.18 -21.46
CA GLU B 307 8.40 22.53 -20.91
C GLU B 307 9.04 22.51 -19.53
N PRO B 308 9.36 23.69 -19.01
CA PRO B 308 9.93 23.86 -17.71
C PRO B 308 8.97 23.27 -16.66
N PRO B 309 9.75 22.80 -15.59
CA PRO B 309 9.00 22.24 -14.46
C PRO B 309 8.23 23.31 -13.71
N ALA B 310 8.62 24.52 -13.74
#